data_6XWU
#
_entry.id   6XWU
#
_cell.length_a   57.195
_cell.length_b   57.195
_cell.length_c   92.960
_cell.angle_alpha   90.000
_cell.angle_beta   90.000
_cell.angle_gamma   90.000
#
_symmetry.space_group_name_H-M   'P 41 21 2'
#
loop_
_entity.id
_entity.type
_entity.pdbx_description
1 polymer RE68959p
2 water water
#
_entity_poly.entity_id   1
_entity_poly.type   'polypeptide(L)'
_entity_poly.pdbx_seq_one_letter_code
;MSKPQNNDTLELDDILSQPVKDKERFAAFMMRKLAENKPAQNDNLFGNFKLDFDLDFEVPLIKKSQAKPKSKLPEVQPLG
ELVSKNSAATEKVNEPPVDQAPNENVPPRRSPTLSPNNRRSMRRSGNVPGSDKLRRHAIRRRSRSCGRQLLPEFEETVNL
TRSISSPVNFLPEISSTPCTEKQKEEVAKNTTRVETDKPAEKPMELSQEPEPENPLQTKVTSPARNPILAAEIEQICKER
QSSFHKNVLQLDYSGRAPYSRPPTPSSPSVAGLRRTYTMEKGPAPGQLLLSPSHRYDTPSKMPVVKAKRFNQELMVPDTP
ERQSHDPAWQSEPQPEFVVPETQPQDLGELVQTLSRSAISPIVVINTSNSNRSVRRDAVAMKSVPTSPVTALSSPPIAPS
PRRSAAASPQKSIAQLPRVEENMDAIMTDDESDEHPSTVPLNLAPSGGNTTRQRRLRSSNRARATIESQESSMRLLNLHK
SVNAKKSKPRKTAIPLNKAPSAPINGEQFARELTRMSNYEILDLRKRNSLNEIYPLNGHRNHRSEKLILEEEIQRELLRR
NLMDEAEGLPKQQSSDDSNEDYIPVPPKTQSLRTKSNDRSQGRGRPRSTRRDLPMTTELVNYLGLSQTLETRRKSSKDGK
RCLYTKGSSDHEDNDSLSPVKLPRLSKSIQIVPPPPVSLRYSQSLQNLPCSGKFDFDNVVMAAPPDFHDSVNSDAIEIAP
PPPEYVVNTRGRSTSGRKSNKNDLVLPPPGYEGGQEEEHDERPSQPRCTAKELQQSTQNGRRAMENELVPPPIEYVEEEN
RNNEQSRRSTKNGNLVDRNTHNAVEYCEPPEPPEYDDSDHGQASILRRSGKKLQHSKQSVQKSNKEQIIAPSYENNEDYD
SDEEPIYNEEYGKEESQNKNVTRRKSDKDEMASHTLECIEGPDPNWNSSCNKQNRNHQNASKSKENDKLANRSSKSQKLS
NPRQNAVGTEKSVALSNRGEECTEKSSDVMESLRVNTPTPPIDQNSDDVPSRNPSPSRTLLSDDVPSTSRAALEFLQRSQ
NMSKSRPPDESSADVVFKKPLAPAPRAKSKKGKSEVDKLKLAKMPVEAEELNTTGIRRSKRGQVPLQMSWCHTMDPSKFN
FMSGFIEPRSKNSKTKKGNLSKAKKASATKPKPTVEKNLPDNRGPLCSSTPRISEKLPGAIPHSESLGLSTLTWEETEVQ
AEAEKVPKKRGRPKKAVGGVQTDTEAEPEPEPEPMISSVAPLTSDQEEPDVPDEQAPYTEAALGPVVFSTPLRDEQEEAS
TKLMQWLRGVGDAPPSASMSDENASVSSANELIFYQVDGIDYAFYNTKEKAMLGYMRFKPYQKRSMKQAKVHPLKLLVQF
GEFNVETLAVGEEKEVHSVLRVGDMIEIDRGTRYSIQNAIDKVSVLMCIRS
;
_entity_poly.pdbx_strand_id   A
#
# COMPACT_ATOMS: atom_id res chain seq x y z
N ASP A 1274 9.42 5.64 24.59
CA ASP A 1274 10.18 5.95 23.39
C ASP A 1274 10.58 4.67 22.68
N GLU A 1275 10.61 3.56 23.41
CA GLU A 1275 10.76 2.25 22.79
C GLU A 1275 9.73 2.06 21.70
N GLN A 1276 8.47 2.41 21.96
CA GLN A 1276 7.42 2.23 20.96
C GLN A 1276 7.54 3.26 19.83
N GLU A 1277 8.06 4.46 20.14
CA GLU A 1277 8.38 5.39 19.06
C GLU A 1277 9.51 4.84 18.19
N GLU A 1278 10.50 4.18 18.80
CA GLU A 1278 11.59 3.58 18.03
C GLU A 1278 11.08 2.45 17.15
N ALA A 1279 10.18 1.61 17.68
CA ALA A 1279 9.62 0.51 16.89
C ALA A 1279 8.84 1.05 15.69
N SER A 1280 8.07 2.11 15.91
CA SER A 1280 7.28 2.69 14.84
C SER A 1280 8.18 3.27 13.76
N THR A 1281 9.24 3.97 14.16
CA THR A 1281 10.16 4.58 13.19
C THR A 1281 10.87 3.50 12.39
N LYS A 1282 11.32 2.42 13.05
CA LYS A 1282 12.00 1.35 12.34
C LYS A 1282 11.10 0.72 11.29
N LEU A 1283 9.82 0.52 11.62
CA LEU A 1283 8.89 -0.08 10.65
C LEU A 1283 8.70 0.83 9.44
N MET A 1284 8.49 2.12 9.68
CA MET A 1284 8.30 3.06 8.58
C MET A 1284 9.54 3.14 7.69
N GLN A 1285 10.73 3.15 8.29
CA GLN A 1285 11.95 3.22 7.50
C GLN A 1285 12.10 1.97 6.63
N TRP A 1286 11.74 0.81 7.17
CA TRP A 1286 11.76 -0.40 6.35
C TRP A 1286 10.78 -0.31 5.19
N LEU A 1287 9.53 0.09 5.48
CA LEU A 1287 8.53 0.25 4.44
C LEU A 1287 9.01 1.20 3.35
N ARG A 1288 9.71 2.27 3.74
CA ARG A 1288 10.22 3.24 2.78
C ARG A 1288 11.48 2.77 2.07
N GLY A 1289 12.01 1.59 2.42
CA GLY A 1289 13.23 1.12 1.82
C GLY A 1289 14.49 1.78 2.33
N VAL A 1290 14.42 2.39 3.51
CA VAL A 1290 15.51 3.20 4.05
C VAL A 1290 16.30 2.39 5.08
N GLY A 1291 15.63 1.49 5.78
CA GLY A 1291 16.23 0.78 6.90
C GLY A 1291 16.09 -0.73 6.77
N ASP A 1292 16.61 -1.42 7.78
CA ASP A 1292 16.60 -2.87 7.85
C ASP A 1292 15.30 -3.39 8.46
N ALA A 1293 15.11 -4.70 8.35
CA ALA A 1293 13.86 -5.32 8.79
C ALA A 1293 13.70 -5.18 10.30
N PRO A 1294 12.47 -4.93 10.78
CA PRO A 1294 12.28 -4.78 12.22
C PRO A 1294 12.63 -6.05 12.95
N PRO A 1295 13.00 -5.96 14.23
CA PRO A 1295 13.43 -7.16 14.95
C PRO A 1295 12.24 -8.04 15.31
N SER A 1296 12.54 -9.28 15.66
CA SER A 1296 11.52 -10.16 16.19
C SER A 1296 11.23 -9.78 17.64
N ALA A 1297 10.15 -10.35 18.17
CA ALA A 1297 9.72 -9.95 19.50
C ALA A 1297 9.09 -11.09 20.29
N SER A 1298 8.19 -11.83 19.65
CA SER A 1298 7.39 -12.82 20.37
C SER A 1298 7.20 -14.05 19.49
N MET A 1299 6.85 -15.16 20.16
CA MET A 1299 6.43 -16.36 19.43
C MET A 1299 5.03 -16.23 18.85
N SER A 1300 4.32 -15.11 19.08
CA SER A 1300 2.97 -14.97 18.52
C SER A 1300 2.97 -14.95 17.01
N ASP A 1301 4.13 -14.76 16.39
CA ASP A 1301 4.16 -14.74 14.93
C ASP A 1301 3.91 -16.12 14.36
N GLU A 1302 4.02 -17.17 15.20
CA GLU A 1302 3.68 -18.54 14.86
C GLU A 1302 2.19 -18.83 14.91
N ASN A 1303 1.39 -17.96 15.52
CA ASN A 1303 -0.03 -18.24 15.63
C ASN A 1303 -0.68 -18.20 14.26
N ALA A 1304 -1.62 -19.13 14.04
CA ALA A 1304 -2.31 -19.25 12.76
C ALA A 1304 -2.85 -17.91 12.28
N SER A 1305 -3.52 -17.18 13.16
CA SER A 1305 -4.22 -15.99 12.73
C SER A 1305 -3.33 -14.75 12.66
N VAL A 1306 -2.06 -14.84 13.06
CA VAL A 1306 -1.19 -13.66 13.18
C VAL A 1306 -0.28 -13.57 11.95
N SER A 1307 -0.17 -12.36 11.39
CA SER A 1307 0.82 -12.07 10.37
C SER A 1307 1.68 -10.91 10.87
N SER A 1308 2.90 -11.22 11.28
CA SER A 1308 3.72 -10.15 11.85
C SER A 1308 4.33 -9.28 10.75
N ALA A 1309 4.73 -8.07 11.13
CA ALA A 1309 5.43 -7.20 10.20
C ALA A 1309 6.68 -7.87 9.62
N ASN A 1310 7.35 -8.72 10.40
CA ASN A 1310 8.54 -9.39 9.89
C ASN A 1310 8.21 -10.41 8.81
N GLU A 1311 6.93 -10.78 8.67
CA GLU A 1311 6.52 -11.66 7.59
C GLU A 1311 6.65 -10.97 6.25
N LEU A 1312 6.54 -9.64 6.24
CA LEU A 1312 6.48 -8.89 4.99
C LEU A 1312 7.79 -9.02 4.24
N ILE A 1313 7.69 -9.27 2.93
CA ILE A 1313 8.83 -9.29 2.03
C ILE A 1313 8.40 -8.57 0.75
N PHE A 1314 9.18 -7.56 0.35
CA PHE A 1314 8.83 -6.80 -0.84
C PHE A 1314 9.27 -7.55 -2.10
N TYR A 1315 8.39 -7.60 -3.10
CA TYR A 1315 8.70 -8.14 -4.40
C TYR A 1315 8.32 -7.11 -5.46
N GLN A 1316 9.10 -7.00 -6.52
CA GLN A 1316 8.83 -6.00 -7.54
C GLN A 1316 8.05 -6.61 -8.70
N VAL A 1317 6.95 -5.95 -9.08
CA VAL A 1317 6.15 -6.34 -10.24
C VAL A 1317 5.92 -5.11 -11.11
N ASP A 1318 6.38 -5.19 -12.36
CA ASP A 1318 6.26 -4.09 -13.34
C ASP A 1318 6.67 -2.75 -12.71
N GLY A 1319 7.80 -2.77 -12.01
CA GLY A 1319 8.39 -1.57 -11.48
C GLY A 1319 7.98 -1.16 -10.08
N ILE A 1320 6.88 -1.73 -9.55
CA ILE A 1320 6.33 -1.34 -8.25
C ILE A 1320 6.67 -2.41 -7.22
N ASP A 1321 7.04 -1.98 -6.02
CA ASP A 1321 7.35 -2.90 -4.91
C ASP A 1321 6.08 -3.17 -4.11
N TYR A 1322 5.73 -4.46 -3.96
CA TYR A 1322 4.56 -4.90 -3.21
C TYR A 1322 4.99 -5.78 -2.05
N ALA A 1323 4.29 -5.66 -0.91
CA ALA A 1323 4.49 -6.59 0.20
C ALA A 1323 3.13 -6.87 0.83
N PHE A 1324 2.75 -8.14 0.91
CA PHE A 1324 1.44 -8.52 1.41
C PHE A 1324 1.59 -9.36 2.67
N TYR A 1325 0.70 -9.11 3.64
CA TYR A 1325 0.56 -10.05 4.76
C TYR A 1325 0.07 -11.40 4.25
N ASN A 1326 0.42 -12.46 4.98
CA ASN A 1326 0.02 -13.82 4.61
C ASN A 1326 -1.31 -14.15 5.28
N THR A 1327 -2.39 -13.64 4.69
CA THR A 1327 -3.75 -13.83 5.17
C THR A 1327 -4.37 -15.08 4.55
N LYS A 1328 -5.51 -15.49 5.11
CA LYS A 1328 -6.17 -16.72 4.68
C LYS A 1328 -6.53 -16.67 3.20
N GLU A 1329 -7.15 -15.57 2.77
CA GLU A 1329 -7.30 -15.27 1.35
C GLU A 1329 -6.16 -14.36 0.95
N LYS A 1330 -5.32 -14.82 0.02
CA LYS A 1330 -4.08 -14.13 -0.22
C LYS A 1330 -4.32 -12.82 -0.97
N ALA A 1331 -3.37 -11.89 -0.82
CA ALA A 1331 -3.34 -10.61 -1.53
C ALA A 1331 -4.48 -9.69 -1.10
N MET A 1332 -4.89 -9.76 0.16
CA MET A 1332 -6.00 -8.95 0.62
C MET A 1332 -5.56 -7.74 1.45
N LEU A 1333 -4.32 -7.71 1.93
CA LEU A 1333 -3.84 -6.59 2.74
C LEU A 1333 -2.34 -6.45 2.55
N GLY A 1334 -1.89 -5.30 2.08
CA GLY A 1334 -0.47 -5.13 1.84
C GLY A 1334 -0.11 -3.69 1.59
N TYR A 1335 1.13 -3.50 1.15
CA TYR A 1335 1.68 -2.18 0.89
C TYR A 1335 2.22 -2.09 -0.53
N MET A 1336 2.11 -0.91 -1.12
CA MET A 1336 2.79 -0.55 -2.36
C MET A 1336 3.78 0.55 -2.07
N ARG A 1337 5.03 0.35 -2.46
CA ARG A 1337 6.09 1.33 -2.29
C ARG A 1337 6.47 1.91 -3.65
N PHE A 1338 6.47 3.23 -3.76
CA PHE A 1338 6.66 3.94 -5.03
C PHE A 1338 7.98 4.70 -5.00
N LYS A 1339 8.78 4.54 -6.05
CA LYS A 1339 9.93 5.41 -6.25
C LYS A 1339 9.46 6.83 -6.52
N PRO A 1340 10.35 7.82 -6.38
CA PRO A 1340 9.96 9.22 -6.64
C PRO A 1340 9.28 9.41 -7.99
N TYR A 1341 8.11 10.06 -7.94
CA TYR A 1341 7.32 10.38 -9.13
C TYR A 1341 6.91 9.14 -9.93
N GLN A 1342 7.00 7.95 -9.35
CA GLN A 1342 6.71 6.73 -10.11
C GLN A 1342 5.22 6.59 -10.38
N LYS A 1343 4.89 6.03 -11.55
CA LYS A 1343 3.51 5.81 -12.01
C LYS A 1343 3.17 4.32 -11.96
N ARG A 1344 2.01 3.99 -11.39
CA ARG A 1344 1.41 2.67 -11.56
C ARG A 1344 0.37 2.74 -12.65
N SER A 1345 0.50 1.87 -13.66
CA SER A 1345 -0.37 1.92 -14.82
C SER A 1345 -1.81 1.63 -14.42
N MET A 1346 -2.72 1.91 -15.35
CA MET A 1346 -4.14 1.77 -15.07
C MET A 1346 -4.49 0.32 -14.77
N LYS A 1347 -5.30 0.13 -13.74
CA LYS A 1347 -5.83 -1.17 -13.37
C LYS A 1347 -7.33 -1.01 -13.16
N GLN A 1348 -8.05 -2.14 -13.09
CA GLN A 1348 -9.48 -2.11 -12.85
C GLN A 1348 -9.83 -3.03 -11.70
N ALA A 1349 -10.61 -2.51 -10.75
CA ALA A 1349 -11.13 -3.35 -9.67
C ALA A 1349 -12.20 -4.27 -10.24
N LYS A 1350 -11.78 -5.28 -10.98
CA LYS A 1350 -12.71 -6.14 -11.70
C LYS A 1350 -13.49 -7.04 -10.74
N VAL A 1351 -12.82 -7.55 -9.70
CA VAL A 1351 -13.43 -8.51 -8.76
C VAL A 1351 -13.66 -7.88 -7.39
N HIS A 1352 -12.61 -7.30 -6.79
CA HIS A 1352 -12.64 -6.83 -5.42
C HIS A 1352 -12.62 -5.31 -5.37
N PRO A 1353 -13.60 -4.68 -4.74
CA PRO A 1353 -13.44 -3.27 -4.37
C PRO A 1353 -12.23 -3.14 -3.47
N LEU A 1354 -11.60 -1.97 -3.49
CA LEU A 1354 -10.44 -1.85 -2.63
C LEU A 1354 -10.42 -0.47 -2.00
N LYS A 1355 -9.63 -0.36 -0.95
CA LYS A 1355 -9.35 0.93 -0.34
C LYS A 1355 -7.85 1.15 -0.40
N LEU A 1356 -7.44 2.37 -0.71
CA LEU A 1356 -6.03 2.75 -0.71
C LEU A 1356 -5.85 3.77 0.38
N LEU A 1357 -4.91 3.51 1.30
CA LEU A 1357 -4.72 4.35 2.48
C LEU A 1357 -3.25 4.77 2.52
N VAL A 1358 -2.99 6.07 2.55
CA VAL A 1358 -1.61 6.56 2.43
C VAL A 1358 -0.89 6.37 3.76
N GLN A 1359 0.23 5.64 3.72
CA GLN A 1359 1.06 5.41 4.90
C GLN A 1359 2.21 6.39 4.99
N PHE A 1360 2.72 6.86 3.86
CA PHE A 1360 3.77 7.87 3.90
C PHE A 1360 3.78 8.60 2.56
N GLY A 1361 3.94 9.91 2.61
CA GLY A 1361 4.11 10.65 1.36
C GLY A 1361 2.82 11.15 0.77
N GLU A 1362 2.71 11.13 -0.56
CA GLU A 1362 1.62 11.83 -1.24
C GLU A 1362 1.40 11.20 -2.61
N PHE A 1363 0.13 11.04 -2.99
CA PHE A 1363 -0.23 10.35 -4.24
C PHE A 1363 -1.30 11.12 -4.99
N ASN A 1364 -1.21 11.12 -6.32
CA ASN A 1364 -2.30 11.56 -7.17
C ASN A 1364 -2.98 10.31 -7.70
N VAL A 1365 -4.30 10.22 -7.56
CA VAL A 1365 -5.06 9.06 -8.01
C VAL A 1365 -6.10 9.54 -9.01
N GLU A 1366 -6.17 8.87 -10.16
CA GLU A 1366 -7.14 9.16 -11.19
C GLU A 1366 -8.12 7.98 -11.28
N THR A 1367 -9.42 8.26 -11.23
CA THR A 1367 -10.43 7.20 -11.24
C THR A 1367 -11.48 7.46 -12.31
N LEU A 1368 -12.03 6.38 -12.84
CA LEU A 1368 -13.15 6.43 -13.77
C LEU A 1368 -14.13 5.34 -13.37
N ALA A 1369 -15.25 5.71 -12.76
CA ALA A 1369 -16.19 4.70 -12.28
C ALA A 1369 -17.09 4.18 -13.41
N VAL A 1370 -17.66 2.99 -13.21
CA VAL A 1370 -18.54 2.41 -14.21
C VAL A 1370 -19.75 3.30 -14.41
N GLY A 1371 -20.10 3.54 -15.67
CA GLY A 1371 -21.23 4.37 -16.03
C GLY A 1371 -20.87 5.83 -16.24
N GLU A 1372 -19.86 6.33 -15.55
CA GLU A 1372 -19.40 7.69 -15.76
C GLU A 1372 -18.51 7.76 -17.00
N GLU A 1373 -18.42 8.95 -17.58
CA GLU A 1373 -17.53 9.19 -18.70
C GLU A 1373 -16.44 10.22 -18.39
N LYS A 1374 -16.45 10.81 -17.20
CA LYS A 1374 -15.49 11.84 -16.82
C LYS A 1374 -14.63 11.32 -15.66
N GLU A 1375 -13.32 11.40 -15.83
CA GLU A 1375 -12.41 11.00 -14.77
C GLU A 1375 -12.48 11.97 -13.59
N VAL A 1376 -12.03 11.48 -12.44
CA VAL A 1376 -11.89 12.27 -11.21
C VAL A 1376 -10.44 12.17 -10.76
N HIS A 1377 -9.82 13.30 -10.48
CA HIS A 1377 -8.47 13.32 -9.94
C HIS A 1377 -8.51 13.70 -8.46
N SER A 1378 -7.81 12.91 -7.64
CA SER A 1378 -7.74 13.14 -6.19
C SER A 1378 -6.27 13.21 -5.78
N VAL A 1379 -5.97 14.04 -4.78
CA VAL A 1379 -4.66 14.07 -4.13
C VAL A 1379 -4.81 13.57 -2.70
N LEU A 1380 -3.92 12.65 -2.31
CA LEU A 1380 -4.00 11.96 -1.02
C LEU A 1380 -2.70 12.14 -0.26
N ARG A 1381 -2.81 12.58 1.00
CA ARG A 1381 -1.67 12.70 1.90
C ARG A 1381 -1.81 11.65 3.00
N VAL A 1382 -0.85 11.62 3.93
CA VAL A 1382 -0.78 10.51 4.88
C VAL A 1382 -2.06 10.43 5.71
N GLY A 1383 -2.60 9.22 5.83
CA GLY A 1383 -3.86 9.02 6.55
C GLY A 1383 -5.13 9.19 5.71
N ASP A 1384 -5.02 9.75 4.51
CA ASP A 1384 -6.16 9.84 3.61
C ASP A 1384 -6.42 8.49 2.94
N MET A 1385 -7.68 8.21 2.66
CA MET A 1385 -8.08 6.96 2.03
C MET A 1385 -8.97 7.24 0.83
N ILE A 1386 -8.90 6.40 -0.19
CA ILE A 1386 -9.84 6.45 -1.31
C ILE A 1386 -10.42 5.06 -1.51
N GLU A 1387 -11.71 5.00 -1.78
CA GLU A 1387 -12.43 3.77 -2.04
C GLU A 1387 -12.58 3.59 -3.54
N ILE A 1388 -12.15 2.44 -4.05
CA ILE A 1388 -12.26 2.10 -5.47
C ILE A 1388 -13.35 1.04 -5.60
N ASP A 1389 -14.49 1.43 -6.18
CA ASP A 1389 -15.60 0.50 -6.28
C ASP A 1389 -15.34 -0.56 -7.36
N ARG A 1390 -16.08 -1.67 -7.26
CA ARG A 1390 -15.96 -2.71 -8.27
C ARG A 1390 -16.25 -2.11 -9.65
N GLY A 1391 -15.39 -2.42 -10.62
CA GLY A 1391 -15.52 -1.89 -11.95
C GLY A 1391 -14.78 -0.58 -12.21
N THR A 1392 -14.33 0.11 -11.17
CA THR A 1392 -13.65 1.39 -11.39
C THR A 1392 -12.24 1.16 -11.93
N ARG A 1393 -11.88 1.91 -12.97
CA ARG A 1393 -10.50 1.92 -13.48
C ARG A 1393 -9.72 3.03 -12.78
N TYR A 1394 -8.48 2.74 -12.39
CA TYR A 1394 -7.76 3.71 -11.59
C TYR A 1394 -6.27 3.65 -11.88
N SER A 1395 -5.62 4.83 -11.82
CA SER A 1395 -4.19 4.97 -11.98
C SER A 1395 -3.64 5.71 -10.76
N ILE A 1396 -2.38 5.44 -10.41
CA ILE A 1396 -1.76 6.05 -9.24
C ILE A 1396 -0.39 6.60 -9.62
N GLN A 1397 -0.09 7.82 -9.16
CA GLN A 1397 1.24 8.36 -9.34
C GLN A 1397 1.75 8.94 -8.03
N ASN A 1398 2.99 8.60 -7.69
CA ASN A 1398 3.66 9.24 -6.56
C ASN A 1398 3.78 10.73 -6.86
N ALA A 1399 3.23 11.58 -5.98
CA ALA A 1399 3.22 13.01 -6.28
C ALA A 1399 4.49 13.74 -5.89
N ILE A 1400 5.42 13.11 -5.18
CA ILE A 1400 6.56 13.82 -4.62
C ILE A 1400 7.87 13.15 -5.03
N ASP A 1401 8.97 13.88 -4.82
CA ASP A 1401 10.31 13.43 -5.18
C ASP A 1401 10.96 12.56 -4.10
N LYS A 1402 10.16 11.85 -3.31
CA LYS A 1402 10.64 10.93 -2.30
C LYS A 1402 9.85 9.64 -2.42
N VAL A 1403 10.32 8.57 -1.78
CA VAL A 1403 9.54 7.34 -1.77
C VAL A 1403 8.25 7.58 -1.01
N SER A 1404 7.12 7.17 -1.60
CA SER A 1404 5.84 7.15 -0.91
C SER A 1404 5.30 5.73 -0.83
N VAL A 1405 4.46 5.50 0.18
CA VAL A 1405 3.97 4.16 0.55
C VAL A 1405 2.46 4.23 0.73
N LEU A 1406 1.74 3.28 0.13
CA LEU A 1406 0.31 3.20 0.42
C LEU A 1406 -0.05 1.78 0.84
N MET A 1407 -1.10 1.68 1.63
CA MET A 1407 -1.66 0.41 2.05
C MET A 1407 -2.82 0.07 1.12
N CYS A 1408 -2.85 -1.17 0.65
CA CYS A 1408 -3.90 -1.66 -0.22
C CYS A 1408 -4.76 -2.64 0.56
N ILE A 1409 -6.07 -2.35 0.66
CA ILE A 1409 -7.03 -3.14 1.42
C ILE A 1409 -8.08 -3.63 0.43
N ARG A 1410 -8.11 -4.93 0.18
CA ARG A 1410 -9.07 -5.49 -0.76
C ARG A 1410 -10.28 -6.08 -0.04
N SER A 1411 -11.44 -5.93 -0.65
CA SER A 1411 -12.68 -6.56 -0.21
C SER A 1411 -13.06 -7.68 -1.17
#